data_4DUQ
#
_entry.id   4DUQ
#
_cell.length_a   84.670
_cell.length_b   84.670
_cell.length_c   58.300
_cell.angle_alpha   90.000
_cell.angle_beta   90.000
_cell.angle_gamma   120.000
#
_symmetry.space_group_name_H-M   'P 31 2 1'
#
loop_
_entity.id
_entity.type
_entity.pdbx_description
1 polymer 'Protein S100-A2'
2 non-polymer 'CALCIUM ION'
3 non-polymer 'POLYETHYLENE GLYCOL (N=34)'
4 water water
#
_entity_poly.entity_id   1
_entity_poly.type   'polypeptide(L)'
_entity_poly.pdbx_seq_one_letter_code
;MMSSSLEQALAVLVTTFHKYSSQEGDKFKLSKGEMKELLHKELPSFVGEKVDEEGLKKLMGSLDENSDQQVDFQEYAVFL
ALITVMSNDFFQGCPDRP
;
_entity_poly.pdbx_strand_id   A,B
#
loop_
_chem_comp.id
_chem_comp.type
_chem_comp.name
_chem_comp.formula
15P non-polymer 'POLYETHYLENE GLYCOL (N=34)' 'C69 H140 O35'
CA non-polymer 'CALCIUM ION' 'Ca 2'
#
# COMPACT_ATOMS: atom_id res chain seq x y z
N SER A 3 -16.80 7.41 1.64
CA SER A 3 -15.35 7.06 1.51
C SER A 3 -14.68 7.83 0.39
N SER A 4 -13.51 8.39 0.68
CA SER A 4 -12.75 9.02 -0.37
C SER A 4 -12.27 7.99 -1.38
N SER A 5 -11.77 8.49 -2.49
CA SER A 5 -11.18 7.62 -3.48
CA SER A 5 -11.17 7.66 -3.50
C SER A 5 -9.98 6.88 -2.92
N LEU A 6 -9.18 7.55 -2.10
CA LEU A 6 -8.03 6.89 -1.52
C LEU A 6 -8.49 5.79 -0.54
N GLU A 7 -9.49 6.08 0.26
CA GLU A 7 -9.95 5.07 1.20
C GLU A 7 -10.52 3.86 0.46
N GLN A 8 -11.24 4.12 -0.63
CA GLN A 8 -11.77 3.01 -1.40
C GLN A 8 -10.60 2.15 -1.94
N ALA A 9 -9.55 2.79 -2.36
CA ALA A 9 -8.40 2.08 -2.88
C ALA A 9 -7.70 1.26 -1.78
N LEU A 10 -7.55 1.88 -0.62
CA LEU A 10 -6.97 1.16 0.49
C LEU A 10 -7.81 -0.07 0.86
N ALA A 11 -9.13 0.08 0.79
CA ALA A 11 -10.02 -1.02 1.11
C ALA A 11 -9.76 -2.19 0.15
N VAL A 12 -9.53 -1.90 -1.14
CA VAL A 12 -9.25 -2.98 -2.09
CA VAL A 12 -9.15 -2.91 -2.17
C VAL A 12 -7.91 -3.66 -1.75
N LEU A 13 -6.91 -2.92 -1.28
CA LEU A 13 -5.65 -3.55 -0.84
CA LEU A 13 -5.66 -3.57 -0.87
C LEU A 13 -5.93 -4.59 0.26
N VAL A 14 -6.82 -4.24 1.19
CA VAL A 14 -7.21 -5.14 2.29
C VAL A 14 -7.99 -6.33 1.77
N THR A 15 -9.04 -6.04 1.04
CA THR A 15 -9.92 -7.10 0.61
C THR A 15 -9.20 -8.10 -0.33
N THR A 16 -8.29 -7.58 -1.14
CA THR A 16 -7.55 -8.44 -2.05
C THR A 16 -6.76 -9.49 -1.31
N PHE A 17 -6.11 -9.05 -0.24
CA PHE A 17 -5.32 -9.98 0.53
C PHE A 17 -6.20 -11.13 1.02
N HIS A 18 -7.34 -10.80 1.60
CA HIS A 18 -8.22 -11.79 2.18
C HIS A 18 -8.91 -12.65 1.15
N LYS A 19 -9.16 -12.10 -0.01
CA LYS A 19 -9.75 -12.86 -1.10
C LYS A 19 -8.91 -14.09 -1.44
N TYR A 20 -7.60 -13.92 -1.44
CA TYR A 20 -6.67 -15.00 -1.76
C TYR A 20 -6.32 -15.79 -0.49
N SER A 21 -6.05 -15.13 0.63
CA SER A 21 -5.57 -15.82 1.82
C SER A 21 -6.60 -16.77 2.37
N SER A 22 -7.87 -16.45 2.21
CA SER A 22 -8.94 -17.21 2.84
C SER A 22 -9.35 -18.44 2.06
N GLN A 23 -8.69 -18.76 0.96
CA GLN A 23 -9.05 -19.92 0.17
C GLN A 23 -8.60 -21.25 0.77
N GLU A 24 -7.32 -21.32 1.08
CA GLU A 24 -6.67 -22.54 1.49
C GLU A 24 -5.97 -22.36 2.82
N GLY A 25 -5.65 -23.49 3.43
CA GLY A 25 -4.89 -23.51 4.64
C GLY A 25 -5.39 -22.54 5.70
N ASP A 26 -4.44 -21.76 6.25
CA ASP A 26 -4.70 -20.70 7.19
C ASP A 26 -5.38 -19.59 6.36
N LYS A 27 -6.56 -19.21 6.83
CA LYS A 27 -7.39 -18.21 6.14
C LYS A 27 -6.86 -16.81 6.26
N PHE A 28 -5.88 -16.55 7.15
CA PHE A 28 -5.30 -15.27 7.29
C PHE A 28 -3.86 -15.13 6.80
N LYS A 29 -3.41 -16.14 6.07
CA LYS A 29 -2.07 -16.11 5.48
C LYS A 29 -2.15 -16.54 4.04
N LEU A 30 -1.27 -15.95 3.22
CA LEU A 30 -1.14 -16.31 1.81
C LEU A 30 -0.07 -17.41 1.70
N SER A 31 -0.48 -18.56 1.19
CA SER A 31 0.46 -19.60 0.84
C SER A 31 1.15 -19.22 -0.46
N LYS A 32 2.17 -19.99 -0.82
CA LYS A 32 2.81 -19.83 -2.12
C LYS A 32 1.80 -19.88 -3.21
N GLY A 33 0.91 -20.87 -3.15
CA GLY A 33 -0.07 -21.06 -4.17
C GLY A 33 -1.09 -19.94 -4.27
N GLU A 34 -1.52 -19.44 -3.13
CA GLU A 34 -2.43 -18.30 -3.12
C GLU A 34 -1.76 -17.02 -3.62
N MET A 35 -0.49 -16.81 -3.27
CA MET A 35 0.26 -15.72 -3.83
C MET A 35 0.41 -15.84 -5.32
N LYS A 36 0.68 -17.05 -5.84
CA LYS A 36 0.83 -17.23 -7.28
C LYS A 36 -0.44 -16.75 -7.95
N GLU A 37 -1.59 -17.16 -7.42
CA GLU A 37 -2.89 -16.74 -7.98
C GLU A 37 -3.10 -15.22 -7.91
N LEU A 38 -2.76 -14.66 -6.76
CA LEU A 38 -2.83 -13.20 -6.58
C LEU A 38 -1.99 -12.48 -7.63
N LEU A 39 -0.75 -12.92 -7.81
CA LEU A 39 0.11 -12.27 -8.81
C LEU A 39 -0.49 -12.36 -10.21
N HIS A 40 -0.84 -13.59 -10.63
CA HIS A 40 -1.31 -13.79 -12.00
CA HIS A 40 -1.34 -13.84 -11.97
C HIS A 40 -2.61 -13.03 -12.29
N LYS A 41 -3.53 -13.01 -11.32
CA LYS A 41 -4.85 -12.38 -11.55
CA LYS A 41 -4.87 -12.40 -11.49
C LYS A 41 -4.88 -10.90 -11.22
N GLU A 42 -4.10 -10.47 -10.23
CA GLU A 42 -4.16 -9.10 -9.73
C GLU A 42 -3.01 -8.20 -10.19
N LEU A 43 -1.86 -8.80 -10.54
CA LEU A 43 -0.71 -8.05 -10.96
C LEU A 43 -0.14 -8.56 -12.28
N PRO A 44 -1.02 -8.72 -13.27
CA PRO A 44 -0.50 -9.25 -14.53
C PRO A 44 0.53 -8.34 -15.19
N SER A 45 0.45 -7.04 -14.96
CA SER A 45 1.46 -6.10 -15.47
CA SER A 45 1.45 -6.08 -15.44
C SER A 45 2.86 -6.38 -14.90
N PHE A 46 2.94 -7.03 -13.73
CA PHE A 46 4.21 -7.30 -13.05
C PHE A 46 4.76 -8.67 -13.38
N VAL A 47 3.89 -9.63 -13.62
CA VAL A 47 4.33 -11.01 -13.83
C VAL A 47 4.01 -11.59 -15.18
N GLY A 48 3.17 -10.94 -15.97
CA GLY A 48 2.68 -11.57 -17.20
C GLY A 48 1.79 -12.80 -16.97
N GLU A 49 1.70 -13.62 -18.03
CA GLU A 49 0.79 -14.79 -18.13
CA GLU A 49 0.75 -14.75 -18.06
C GLU A 49 1.26 -15.98 -17.29
N LYS A 50 2.56 -16.11 -17.14
CA LYS A 50 3.10 -17.23 -16.36
C LYS A 50 3.94 -16.72 -15.17
N VAL A 51 3.52 -17.10 -13.96
CA VAL A 51 4.29 -16.75 -12.74
C VAL A 51 5.56 -17.63 -12.62
N ASP A 52 6.73 -17.01 -12.76
CA ASP A 52 8.00 -17.76 -12.76
C ASP A 52 8.22 -18.42 -11.41
N GLU A 53 8.47 -19.72 -11.42
CA GLU A 53 8.58 -20.48 -10.16
C GLU A 53 9.73 -20.01 -9.26
N GLU A 54 10.89 -19.74 -9.83
CA GLU A 54 12.02 -19.30 -9.00
C GLU A 54 11.78 -17.92 -8.42
N GLY A 55 11.23 -17.00 -9.21
CA GLY A 55 10.94 -15.66 -8.72
C GLY A 55 9.93 -15.78 -7.58
N LEU A 56 8.93 -16.62 -7.76
CA LEU A 56 7.92 -16.78 -6.74
C LEU A 56 8.53 -17.25 -5.43
N LYS A 57 9.46 -18.20 -5.51
CA LYS A 57 10.14 -18.68 -4.30
CA LYS A 57 10.09 -18.70 -4.31
C LYS A 57 10.92 -17.57 -3.63
N LYS A 58 11.62 -16.76 -4.41
CA LYS A 58 12.40 -15.70 -3.81
CA LYS A 58 12.40 -15.66 -3.90
C LYS A 58 11.49 -14.62 -3.25
N LEU A 59 10.39 -14.30 -3.94
CA LEU A 59 9.42 -13.31 -3.44
C LEU A 59 8.89 -13.77 -2.10
N MET A 60 8.38 -14.96 -2.07
CA MET A 60 7.87 -15.54 -0.87
C MET A 60 8.90 -15.54 0.26
N GLY A 61 10.11 -15.96 -0.07
CA GLY A 61 11.14 -15.98 0.93
C GLY A 61 11.52 -14.60 1.50
N SER A 62 11.49 -13.56 0.67
CA SER A 62 11.83 -12.22 1.11
C SER A 62 10.71 -11.60 1.95
N LEU A 63 9.48 -12.02 1.69
CA LEU A 63 8.30 -11.48 2.43
C LEU A 63 8.06 -12.22 3.74
N ASP A 64 8.37 -13.51 3.75
CA ASP A 64 8.15 -14.35 4.86
C ASP A 64 9.16 -14.29 5.91
N GLU A 65 9.02 -13.29 6.76
CA GLU A 65 9.96 -12.94 7.78
C GLU A 65 10.02 -13.89 8.97
N ASN A 66 8.94 -14.63 9.27
CA ASN A 66 8.96 -15.62 10.32
C ASN A 66 9.18 -17.08 9.88
N SER A 67 9.48 -17.29 8.60
CA SER A 67 9.77 -18.59 7.94
CA SER A 67 9.81 -18.66 8.18
C SER A 67 8.68 -19.63 8.13
N ASP A 68 7.41 -19.16 8.14
CA ASP A 68 6.30 -20.08 8.18
C ASP A 68 5.83 -20.45 6.79
N GLN A 69 6.58 -20.01 5.76
CA GLN A 69 6.25 -20.35 4.36
CA GLN A 69 6.31 -20.29 4.35
C GLN A 69 5.03 -19.64 3.83
N GLN A 70 4.53 -18.67 4.63
CA GLN A 70 3.32 -17.92 4.22
C GLN A 70 3.55 -16.46 4.44
N VAL A 71 2.68 -15.68 3.85
CA VAL A 71 2.72 -14.20 3.99
C VAL A 71 1.46 -13.75 4.75
N ASP A 72 1.66 -13.26 5.97
CA ASP A 72 0.59 -12.67 6.78
C ASP A 72 0.34 -11.23 6.42
N PHE A 73 -0.69 -10.59 6.97
CA PHE A 73 -1.00 -9.25 6.45
C PHE A 73 0.09 -8.23 6.75
N GLN A 74 0.75 -8.37 7.90
CA GLN A 74 1.84 -7.47 8.27
C GLN A 74 3.00 -7.61 7.24
N GLU A 75 3.29 -8.85 6.89
CA GLU A 75 4.36 -9.13 5.93
C GLU A 75 3.97 -8.61 4.52
N TYR A 76 2.68 -8.78 4.18
CA TYR A 76 2.14 -8.32 2.94
C TYR A 76 2.26 -6.75 2.82
N ALA A 77 2.26 -6.02 3.93
CA ALA A 77 2.36 -4.57 3.88
C ALA A 77 3.71 -4.18 3.24
N VAL A 78 4.75 -4.97 3.45
CA VAL A 78 6.04 -4.68 2.80
C VAL A 78 5.89 -4.82 1.28
N PHE A 79 5.17 -5.82 0.84
CA PHE A 79 4.88 -6.03 -0.54
C PHE A 79 4.08 -4.87 -1.09
N LEU A 80 3.10 -4.41 -0.33
CA LEU A 80 2.25 -3.26 -0.77
C LEU A 80 3.15 -2.06 -1.01
N ALA A 81 4.05 -1.74 -0.10
CA ALA A 81 4.90 -0.59 -0.27
C ALA A 81 5.72 -0.73 -1.60
N LEU A 82 6.28 -1.92 -1.80
CA LEU A 82 7.09 -2.14 -2.98
C LEU A 82 6.32 -1.98 -4.29
N ILE A 83 5.18 -2.62 -4.37
CA ILE A 83 4.41 -2.55 -5.58
C ILE A 83 3.83 -1.15 -5.83
N THR A 84 3.61 -0.38 -4.78
CA THR A 84 3.20 1.03 -4.90
C THR A 84 4.33 1.84 -5.52
N VAL A 85 5.53 1.68 -5.02
CA VAL A 85 6.68 2.35 -5.66
C VAL A 85 6.86 1.91 -7.10
N MET A 86 6.74 0.60 -7.34
CA MET A 86 6.88 0.13 -8.69
C MET A 86 5.79 0.73 -9.64
N SER A 87 4.58 0.87 -9.13
CA SER A 87 3.50 1.43 -9.93
CA SER A 87 3.46 1.44 -9.90
C SER A 87 3.76 2.90 -10.29
N ASN A 88 4.42 3.62 -9.42
CA ASN A 88 4.76 5.02 -9.68
C ASN A 88 5.85 5.07 -10.75
N ASP A 89 6.88 4.24 -10.58
CA ASP A 89 8.04 4.37 -11.43
C ASP A 89 7.88 3.74 -12.80
N PHE A 90 7.06 2.69 -12.87
CA PHE A 90 6.97 1.88 -14.06
C PHE A 90 5.47 1.73 -14.40
N SER B 3 -7.21 -3.57 -16.62
CA SER B 3 -6.52 -3.41 -15.30
C SER B 3 -7.29 -4.18 -14.24
N SER B 4 -6.59 -4.97 -13.45
CA SER B 4 -7.18 -5.65 -12.30
C SER B 4 -7.68 -4.67 -11.23
N SER B 5 -8.51 -5.11 -10.27
CA SER B 5 -8.98 -4.25 -9.19
C SER B 5 -7.76 -3.79 -8.38
N LEU B 6 -6.77 -4.66 -8.16
CA LEU B 6 -5.59 -4.25 -7.39
C LEU B 6 -4.76 -3.23 -8.17
N GLU B 7 -4.56 -3.43 -9.45
CA GLU B 7 -3.82 -2.47 -10.24
C GLU B 7 -4.54 -1.11 -10.31
N GLN B 8 -5.86 -1.13 -10.43
CA GLN B 8 -6.64 0.11 -10.38
C GLN B 8 -6.44 0.79 -9.04
N ALA B 9 -6.43 0.02 -7.94
CA ALA B 9 -6.24 0.62 -6.61
C ALA B 9 -4.85 1.26 -6.49
N LEU B 10 -3.82 0.54 -6.95
CA LEU B 10 -2.49 1.08 -6.88
C LEU B 10 -2.38 2.38 -7.69
N ALA B 11 -3.04 2.41 -8.84
CA ALA B 11 -3.03 3.64 -9.63
C ALA B 11 -3.67 4.83 -8.91
N VAL B 12 -4.69 4.56 -8.08
CA VAL B 12 -5.26 5.63 -7.26
C VAL B 12 -4.25 6.10 -6.21
N LEU B 13 -3.50 5.18 -5.62
N LEU B 13 -3.53 5.19 -5.59
CA LEU B 13 -2.49 5.62 -4.64
CA LEU B 13 -2.57 5.61 -4.58
C LEU B 13 -1.49 6.52 -5.35
C LEU B 13 -1.61 6.56 -5.24
N VAL B 14 -1.08 6.18 -6.58
N VAL B 14 -1.21 6.23 -6.46
CA VAL B 14 -0.09 7.00 -7.31
CA VAL B 14 -0.20 6.99 -7.20
C VAL B 14 -0.71 8.38 -7.68
C VAL B 14 -0.75 8.37 -7.61
N THR B 15 -1.91 8.37 -8.25
CA THR B 15 -2.44 9.66 -8.72
CA THR B 15 -2.57 9.60 -8.70
C THR B 15 -2.77 10.55 -7.53
N THR B 16 -3.18 9.98 -6.41
CA THR B 16 -3.51 10.80 -5.27
C THR B 16 -2.28 11.53 -4.77
N PHE B 17 -1.14 10.82 -4.68
CA PHE B 17 0.07 11.45 -4.22
C PHE B 17 0.37 12.71 -5.03
N HIS B 18 0.42 12.54 -6.36
CA HIS B 18 0.84 13.59 -7.24
C HIS B 18 -0.18 14.76 -7.26
N LYS B 19 -1.46 14.44 -7.06
CA LYS B 19 -2.50 15.47 -7.02
C LYS B 19 -2.13 16.48 -5.94
N TYR B 20 -1.74 15.99 -4.77
CA TYR B 20 -1.38 16.83 -3.64
C TYR B 20 0.04 17.34 -3.67
N SER B 21 1.01 16.50 -4.08
CA SER B 21 2.39 16.93 -4.04
C SER B 21 2.75 18.00 -5.02
N SER B 22 2.02 18.04 -6.12
CA SER B 22 2.30 18.92 -7.22
C SER B 22 1.72 20.33 -7.02
N GLN B 23 1.01 20.52 -5.89
N GLN B 23 1.12 20.63 -5.90
CA GLN B 23 0.33 21.80 -5.54
CA GLN B 23 0.44 21.91 -5.85
C GLN B 23 1.34 22.98 -5.46
C GLN B 23 1.46 23.02 -5.61
N GLU B 24 2.46 22.77 -4.75
CA GLU B 24 3.46 23.78 -4.61
C GLU B 24 4.81 23.24 -4.19
N GLY B 25 5.79 24.16 -4.21
CA GLY B 25 7.12 23.75 -3.85
C GLY B 25 7.63 22.65 -4.78
N ASP B 26 8.36 21.72 -4.22
CA ASP B 26 8.78 20.53 -4.97
C ASP B 26 7.51 19.77 -5.36
N LYS B 27 7.37 19.54 -6.66
CA LYS B 27 6.17 18.89 -7.17
C LYS B 27 6.10 17.41 -6.90
N PHE B 28 7.19 16.84 -6.39
CA PHE B 28 7.28 15.40 -6.11
C PHE B 28 7.37 15.10 -4.64
N LYS B 29 7.19 16.11 -3.78
CA LYS B 29 7.16 15.90 -2.34
C LYS B 29 5.92 16.63 -1.77
N LEU B 30 5.38 16.02 -0.73
CA LEU B 30 4.29 16.61 0.06
C LEU B 30 4.89 17.46 1.12
N SER B 31 4.57 18.75 1.08
CA SER B 31 4.87 19.62 2.21
C SER B 31 3.93 19.31 3.36
N LYS B 32 4.19 19.87 4.51
CA LYS B 32 3.26 19.75 5.63
C LYS B 32 1.85 20.21 5.24
N GLY B 33 1.75 21.32 4.51
CA GLY B 33 0.45 21.81 4.07
C GLY B 33 -0.25 20.88 3.09
N GLU B 34 0.48 20.38 2.12
CA GLU B 34 -0.09 19.45 1.21
C GLU B 34 -0.57 18.16 1.91
N MET B 35 0.27 17.67 2.82
CA MET B 35 -0.14 16.51 3.61
C MET B 35 -1.35 16.76 4.46
N LYS B 36 -1.45 17.95 5.05
CA LYS B 36 -2.61 18.30 5.84
C LYS B 36 -3.86 18.16 4.98
N GLU B 37 -3.80 18.72 3.77
CA GLU B 37 -4.97 18.65 2.89
C GLU B 37 -5.28 17.20 2.49
N LEU B 38 -4.22 16.45 2.14
CA LEU B 38 -4.41 15.07 1.75
C LEU B 38 -5.12 14.29 2.86
N LEU B 39 -4.63 14.48 4.08
CA LEU B 39 -5.24 13.81 5.22
C LEU B 39 -6.71 14.21 5.33
N HIS B 40 -6.99 15.51 5.24
CA HIS B 40 -8.30 16.02 5.49
C HIS B 40 -9.30 15.50 4.46
N LYS B 41 -8.91 15.59 3.21
CA LYS B 41 -9.81 15.22 2.11
C LYS B 41 -9.83 13.76 1.80
N GLU B 42 -8.68 13.09 1.96
CA GLU B 42 -8.56 11.70 1.45
C GLU B 42 -8.53 10.67 2.55
N LEU B 43 -8.18 11.02 3.76
CA LEU B 43 -8.11 10.00 4.83
C LEU B 43 -8.88 10.50 6.04
N PRO B 44 -10.13 11.00 5.84
CA PRO B 44 -10.89 11.44 6.98
C PRO B 44 -11.22 10.29 7.95
N SER B 45 -11.27 9.05 7.45
CA SER B 45 -11.56 7.91 8.34
CA SER B 45 -11.56 7.91 8.34
C SER B 45 -10.38 7.59 9.26
N PHE B 46 -9.20 8.13 8.95
CA PHE B 46 -8.06 8.01 9.81
C PHE B 46 -7.76 9.32 10.60
N VAL B 47 -7.86 10.49 9.98
CA VAL B 47 -7.65 11.77 10.70
C VAL B 47 -8.90 12.39 11.26
N GLY B 48 -10.00 12.16 10.56
CA GLY B 48 -11.27 12.75 10.94
C GLY B 48 -11.52 14.03 10.17
N GLU B 49 -12.42 14.81 10.75
CA GLU B 49 -12.80 16.17 10.30
C GLU B 49 -11.72 17.25 10.35
N LYS B 50 -10.99 17.34 11.46
CA LYS B 50 -9.84 18.25 11.51
C LYS B 50 -8.61 17.40 11.54
N VAL B 51 -7.65 17.74 10.68
CA VAL B 51 -6.26 17.41 10.93
C VAL B 51 -5.83 18.20 12.21
N ASP B 52 -5.45 17.49 13.28
CA ASP B 52 -4.83 18.10 14.47
CA ASP B 52 -4.85 18.12 14.48
C ASP B 52 -3.44 18.66 14.14
N GLU B 53 -3.10 19.86 14.65
CA GLU B 53 -1.81 20.48 14.32
C GLU B 53 -0.60 19.75 14.96
N GLU B 54 -0.74 19.38 16.22
CA GLU B 54 0.33 18.67 16.93
C GLU B 54 0.51 17.28 16.36
N GLY B 55 -0.61 16.63 16.08
CA GLY B 55 -0.59 15.34 15.42
C GLY B 55 -0.02 15.43 14.03
N LEU B 56 -0.28 16.52 13.31
CA LEU B 56 0.30 16.65 11.98
C LEU B 56 1.81 16.72 12.07
N LYS B 57 2.33 17.51 13.01
CA LYS B 57 3.77 17.64 13.14
C LYS B 57 4.40 16.30 13.56
N LYS B 58 3.72 15.56 14.42
CA LYS B 58 4.23 14.27 14.86
C LYS B 58 4.25 13.29 13.67
N LEU B 59 3.21 13.32 12.82
CA LEU B 59 3.09 12.43 11.66
C LEU B 59 4.20 12.74 10.68
N MET B 60 4.39 14.01 10.33
CA MET B 60 5.41 14.38 9.40
C MET B 60 6.77 13.92 9.91
N GLY B 61 7.03 14.16 11.20
CA GLY B 61 8.31 13.73 11.78
C GLY B 61 8.55 12.23 11.66
N SER B 62 7.49 11.47 11.89
CA SER B 62 7.57 10.03 11.88
CA SER B 62 7.57 10.01 11.89
C SER B 62 7.78 9.48 10.47
N LEU B 63 7.12 10.10 9.51
CA LEU B 63 7.20 9.69 8.10
C LEU B 63 8.43 10.10 7.39
N ASP B 64 9.05 11.19 7.84
CA ASP B 64 10.18 11.85 7.16
C ASP B 64 11.53 11.25 7.52
N GLU B 65 11.82 10.14 6.85
CA GLU B 65 13.00 9.32 7.11
C GLU B 65 14.27 10.01 6.67
N ASN B 66 14.21 10.97 5.74
CA ASN B 66 15.44 11.61 5.25
C ASN B 66 15.61 13.02 5.79
N SER B 67 14.76 13.38 6.76
CA SER B 67 14.88 14.67 7.45
C SER B 67 14.87 15.94 6.56
N ASP B 68 14.10 15.87 5.49
CA ASP B 68 13.86 17.01 4.66
C ASP B 68 12.55 17.76 4.91
N GLN B 69 11.83 17.37 5.96
CA GLN B 69 10.60 18.00 6.40
C GLN B 69 9.43 17.86 5.41
N GLN B 70 9.59 16.99 4.42
CA GLN B 70 8.55 16.68 3.50
C GLN B 70 8.40 15.18 3.34
N VAL B 71 7.29 14.77 2.74
CA VAL B 71 7.03 13.35 2.51
C VAL B 71 7.15 13.08 1.00
N ASP B 72 8.18 12.32 0.62
CA ASP B 72 8.35 11.89 -0.76
C ASP B 72 7.55 10.63 -1.07
N PHE B 73 7.66 10.14 -2.29
CA PHE B 73 6.82 9.02 -2.71
C PHE B 73 7.09 7.78 -1.88
N GLN B 74 8.37 7.46 -1.68
CA GLN B 74 8.67 6.23 -0.94
CA GLN B 74 8.80 6.29 -0.88
C GLN B 74 8.17 6.37 0.50
N GLU B 75 8.30 7.55 1.11
CA GLU B 75 7.84 7.77 2.48
C GLU B 75 6.28 7.62 2.54
N TYR B 76 5.63 8.15 1.49
CA TYR B 76 4.18 7.99 1.37
C TYR B 76 3.73 6.53 1.19
N ALA B 77 4.47 5.78 0.37
CA ALA B 77 4.14 4.39 0.13
C ALA B 77 4.19 3.63 1.48
N VAL B 78 5.23 3.88 2.26
CA VAL B 78 5.37 3.25 3.61
C VAL B 78 4.20 3.71 4.48
N PHE B 79 3.87 5.02 4.45
CA PHE B 79 2.72 5.51 5.25
C PHE B 79 1.44 4.75 4.91
N LEU B 80 1.15 4.60 3.63
CA LEU B 80 -0.08 3.92 3.24
C LEU B 80 -0.06 2.46 3.60
N ALA B 81 1.08 1.82 3.44
CA ALA B 81 1.19 0.43 3.86
C ALA B 81 0.91 0.31 5.40
N LEU B 82 1.39 1.27 6.21
CA LEU B 82 1.11 1.31 7.64
C LEU B 82 -0.39 1.51 7.90
N ILE B 83 -0.99 2.42 7.17
CA ILE B 83 -2.43 2.59 7.44
CA ILE B 83 -2.47 2.67 7.23
C ILE B 83 -3.26 1.43 6.89
N THR B 84 -2.79 0.71 5.91
N THR B 84 -2.79 0.70 5.88
CA THR B 84 -3.55 -0.44 5.43
CA THR B 84 -3.51 -0.51 5.39
C THR B 84 -3.48 -1.60 6.41
C THR B 84 -3.53 -1.51 6.52
N VAL B 85 -2.36 -1.68 7.14
CA VAL B 85 -2.23 -2.59 8.26
C VAL B 85 -3.21 -2.11 9.32
N MET B 86 -3.31 -0.78 9.56
CA MET B 86 -4.39 -0.24 10.43
CA MET B 86 -4.37 -0.26 10.45
C MET B 86 -5.80 -0.56 9.92
N SER B 87 -6.03 -0.40 8.61
CA SER B 87 -7.33 -0.68 7.98
CA SER B 87 -7.31 -0.65 7.98
C SER B 87 -7.68 -2.14 8.11
N ASN B 88 -6.68 -3.01 7.97
CA ASN B 88 -6.89 -4.40 8.07
C ASN B 88 -7.20 -4.73 9.49
N ASP B 89 -6.54 -4.09 10.44
CA ASP B 89 -6.90 -4.27 11.86
C ASP B 89 -8.36 -3.91 12.08
N PHE B 90 -8.84 -2.79 11.51
CA PHE B 90 -10.24 -2.34 11.75
C PHE B 90 -11.18 -3.31 11.03
N PHE B 91 -10.79 -3.73 9.85
CA PHE B 91 -11.59 -4.64 9.06
C PHE B 91 -11.69 -6.04 9.69
N GLN B 92 -10.60 -6.55 10.25
CA GLN B 92 -10.54 -7.98 10.77
C GLN B 92 -10.66 -8.26 12.28
CA CA C . -4.38 -19.22 3.10
CA CA D . 5.26 -15.53 7.32
OXT 15P E . 11.90 15.54 -5.23
C1 15P E . 11.83 14.90 -6.50
C2 15P E . 11.74 15.94 -7.58
O1 15P E . 12.13 15.64 -8.93
C3 15P E . 12.43 16.64 -9.94
C4 15P E . 12.72 16.13 -11.35
O2 15P E . 11.79 16.15 -12.44
C5 15P E . 11.47 14.85 -13.08
C6 15P E . 10.10 14.54 -13.79
C3 15P F . 11.70 0.65 -1.42
C4 15P F . 10.26 0.53 -1.99
O2 15P F . 9.25 0.29 -0.98
C5 15P F . 9.34 1.24 0.11
CA CA G . 4.86 19.83 -3.09
CA CA H . 11.30 13.25 3.57
#